data_6F1S
#
_entry.id   6F1S
#
_cell.length_a   75.704
_cell.length_b   75.704
_cell.length_c   95.044
_cell.angle_alpha   90.000
_cell.angle_beta   90.000
_cell.angle_gamma   120.000
#
_symmetry.space_group_name_H-M   'P 61 2 2'
#
loop_
_entity.id
_entity.type
_entity.pdbx_description
1 polymer 'CglIIR protein'
2 non-polymer 'FORMIC ACID'
3 non-polymer 1,2-ETHANEDIOL
4 water water
#
_entity_poly.entity_id   1
_entity_poly.type   'polypeptide(L)'
_entity_poly.pdbx_seq_one_letter_code
;(MSE)PTRANVLDKRKVGNLSGGVNYFAADPRIKNVEALDKKLLAYLDKHGEDSTIG(MSE)RAIITILNAFTVDPNDLD
LATFKAALLDFERNQPHLTAR(MSE)VLRTNRKVNQGTGALLSPTDQALSRAEVAHPLLILYRIEGVNDAAAQRGEPTWS
SDPIWVPNIKLPGQRQFWCVDGGHHHHHHG
;
_entity_poly.pdbx_strand_id   A
#
# COMPACT_ATOMS: atom_id res chain seq x y z
N LEU A 16 4.69 13.12 8.41
CA LEU A 16 5.27 12.40 7.28
C LEU A 16 6.33 13.23 6.57
N SER A 17 7.57 12.71 6.56
CA SER A 17 8.66 13.35 5.85
C SER A 17 8.93 12.64 4.53
N GLY A 18 9.48 13.36 3.57
CA GLY A 18 9.82 12.77 2.29
C GLY A 18 11.00 11.83 2.37
N GLY A 19 11.02 10.82 1.52
CA GLY A 19 12.14 9.89 1.46
C GLY A 19 12.09 8.76 2.46
N VAL A 20 10.97 8.65 3.16
CA VAL A 20 10.77 7.60 4.16
C VAL A 20 9.59 6.70 3.78
N ASN A 21 9.75 5.39 3.94
CA ASN A 21 8.66 4.44 3.79
C ASN A 21 7.73 4.46 4.99
N TYR A 22 6.43 4.43 4.75
CA TYR A 22 5.46 4.24 5.83
C TYR A 22 4.46 3.19 5.40
N PHE A 23 4.26 2.17 6.22
CA PHE A 23 3.24 1.18 5.88
C PHE A 23 2.25 0.99 7.03
N ALA A 24 1.02 0.66 6.67
CA ALA A 24 -0.02 0.38 7.65
C ALA A 24 0.21 -0.96 8.33
N ALA A 25 0.44 -0.92 9.63
CA ALA A 25 0.64 -2.13 10.42
C ALA A 25 -0.63 -2.96 10.50
N ASP A 26 -1.77 -2.27 10.61
CA ASP A 26 -3.04 -2.95 10.81
C ASP A 26 -4.16 -2.34 9.94
N PRO A 27 -4.04 -2.49 8.61
CA PRO A 27 -5.06 -1.89 7.74
C PRO A 27 -6.39 -2.62 7.78
N ARG A 28 -7.47 -1.91 7.47
CA ARG A 28 -8.79 -2.51 7.29
C ARG A 28 -9.36 -2.11 5.93
N ILE A 29 -9.94 -3.07 5.21
CA ILE A 29 -10.59 -2.78 3.93
C ILE A 29 -12.09 -2.70 4.08
N LYS A 30 -12.68 -1.60 3.59
CA LYS A 30 -14.13 -1.42 3.61
C LYS A 30 -14.82 -2.59 2.91
N ASN A 31 -14.43 -2.82 1.66
CA ASN A 31 -14.99 -3.90 0.86
C ASN A 31 -13.87 -4.73 0.24
N VAL A 32 -13.51 -5.81 0.91
CA VAL A 32 -12.37 -6.63 0.53
C VAL A 32 -12.48 -7.17 -0.89
N GLU A 33 -13.60 -7.80 -1.20
CA GLU A 33 -13.79 -8.43 -2.50
C GLU A 33 -13.75 -7.41 -3.63
N ALA A 34 -14.32 -6.22 -3.39
CA ALA A 34 -14.39 -5.19 -4.43
C ALA A 34 -13.01 -4.61 -4.71
N LEU A 35 -12.25 -4.33 -3.66
CA LEU A 35 -10.92 -3.80 -3.85
C LEU A 35 -10.00 -4.86 -4.47
N ASP A 36 -10.07 -6.08 -3.95
CA ASP A 36 -9.24 -7.18 -4.45
C ASP A 36 -9.50 -7.45 -5.94
N LYS A 37 -10.77 -7.54 -6.32
CA LYS A 37 -11.14 -7.69 -7.72
C LYS A 37 -10.59 -6.53 -8.56
N LYS A 38 -10.69 -5.33 -8.01
CA LYS A 38 -10.21 -4.11 -8.68
C LYS A 38 -8.69 -4.12 -8.87
N LEU A 39 -7.95 -4.40 -7.80
CA LEU A 39 -6.49 -4.39 -7.87
C LEU A 39 -5.95 -5.53 -8.73
N LEU A 40 -6.56 -6.70 -8.63
CA LEU A 40 -6.14 -7.84 -9.44
C LEU A 40 -6.47 -7.64 -10.92
N ALA A 41 -7.56 -6.96 -11.23
CA ALA A 41 -7.88 -6.64 -12.62
C ALA A 41 -6.89 -5.62 -13.15
N TYR A 42 -6.45 -4.72 -12.28
CA TYR A 42 -5.45 -3.72 -12.67
C TYR A 42 -4.11 -4.40 -12.94
N LEU A 43 -3.72 -5.30 -12.06
CA LEU A 43 -2.46 -6.03 -12.17
C LEU A 43 -2.34 -6.76 -13.50
N ASP A 44 -3.44 -7.34 -13.95
CA ASP A 44 -3.45 -8.01 -15.24
C ASP A 44 -3.41 -7.02 -16.39
N LYS A 45 -4.20 -5.96 -16.26
CA LYS A 45 -4.37 -5.01 -17.36
C LYS A 45 -3.15 -4.11 -17.55
N HIS A 46 -2.48 -3.75 -16.46
CA HIS A 46 -1.45 -2.72 -16.53
C HIS A 46 -0.10 -3.12 -15.95
N GLY A 47 -0.07 -4.24 -15.23
CA GLY A 47 1.19 -4.78 -14.71
C GLY A 47 1.43 -4.50 -13.25
N GLU A 48 2.43 -5.16 -12.69
CA GLU A 48 2.75 -5.03 -11.27
C GLU A 48 3.52 -3.75 -10.95
N ASP A 49 4.16 -3.15 -11.96
CA ASP A 49 4.95 -1.94 -11.74
C ASP A 49 4.57 -0.93 -12.83
N SER A 50 3.85 0.11 -12.44
CA SER A 50 3.31 1.05 -13.40
C SER A 50 3.29 2.47 -12.86
N THR A 51 2.96 3.42 -13.71
CA THR A 51 2.62 4.75 -13.22
C THR A 51 1.12 4.90 -13.31
N ILE A 52 0.57 5.76 -12.47
CA ILE A 52 -0.87 5.91 -12.37
C ILE A 52 -1.21 7.32 -11.91
N GLY A 53 -2.30 7.87 -12.43
CA GLY A 53 -2.73 9.23 -12.11
C GLY A 53 -3.14 9.41 -10.67
N ARG A 55 -5.56 11.00 -9.03
CA ARG A 55 -6.94 10.75 -8.66
C ARG A 55 -7.24 9.25 -8.52
N ALA A 56 -6.56 8.44 -9.32
CA ALA A 56 -6.80 7.00 -9.29
C ALA A 56 -6.17 6.38 -8.05
N ILE A 57 -4.98 6.87 -7.70
CA ILE A 57 -4.34 6.53 -6.44
C ILE A 57 -5.23 6.84 -5.25
N ILE A 58 -5.75 8.08 -5.22
CA ILE A 58 -6.59 8.52 -4.11
C ILE A 58 -7.77 7.57 -3.92
N THR A 59 -8.42 7.24 -5.03
CA THR A 59 -9.59 6.37 -5.04
C THR A 59 -9.28 5.01 -4.41
N ILE A 60 -8.10 4.49 -4.72
CA ILE A 60 -7.64 3.22 -4.17
C ILE A 60 -7.37 3.34 -2.68
N LEU A 61 -6.71 4.43 -2.30
CA LEU A 61 -6.40 4.70 -0.90
C LEU A 61 -7.68 4.84 -0.06
N ASN A 62 -8.72 5.43 -0.64
CA ASN A 62 -10.00 5.62 0.05
C ASN A 62 -10.67 4.29 0.40
N ALA A 63 -10.25 3.22 -0.25
CA ALA A 63 -10.81 1.91 0.04
C ALA A 63 -10.27 1.40 1.37
N PHE A 64 -9.27 2.09 1.90
CA PHE A 64 -8.64 1.70 3.16
C PHE A 64 -9.15 2.53 4.33
N THR A 65 -9.29 1.87 5.47
CA THR A 65 -9.50 2.54 6.74
C THR A 65 -8.33 2.20 7.65
N VAL A 66 -7.54 3.21 8.01
CA VAL A 66 -6.41 3.01 8.91
C VAL A 66 -6.37 4.10 9.99
N ASP A 67 -6.06 3.70 11.22
CA ASP A 67 -5.88 4.66 12.29
C ASP A 67 -4.75 5.62 11.94
N PRO A 68 -5.01 6.93 12.05
CA PRO A 68 -4.06 7.99 11.68
C PRO A 68 -2.69 7.83 12.31
N ASN A 69 -2.63 7.27 13.52
CA ASN A 69 -1.35 7.09 14.20
C ASN A 69 -0.57 5.93 13.61
N ASP A 70 -1.27 5.01 12.96
CA ASP A 70 -0.64 3.89 12.28
C ASP A 70 -0.12 4.34 10.92
N LEU A 71 -1.03 4.79 10.07
CA LEU A 71 -0.67 5.30 8.76
C LEU A 71 -1.57 6.48 8.42
N ASP A 72 -0.99 7.66 8.26
CA ASP A 72 -1.78 8.86 8.05
C ASP A 72 -2.10 9.01 6.57
N LEU A 73 -3.22 8.44 6.15
CA LEU A 73 -3.59 8.44 4.74
C LEU A 73 -4.13 9.79 4.30
N ALA A 74 -4.77 10.50 5.20
CA ALA A 74 -5.29 11.84 4.92
C ALA A 74 -4.19 12.79 4.50
N THR A 75 -3.11 12.84 5.28
CA THR A 75 -1.97 13.70 4.98
C THR A 75 -1.32 13.33 3.66
N PHE A 76 -1.13 12.04 3.45
CA PHE A 76 -0.51 11.55 2.21
C PHE A 76 -1.36 11.96 1.01
N LYS A 77 -2.66 11.74 1.11
CA LYS A 77 -3.59 12.15 0.06
C LYS A 77 -3.52 13.66 -0.17
N ALA A 78 -3.47 14.43 0.92
CA ALA A 78 -3.33 15.88 0.81
C ALA A 78 -2.05 16.26 0.06
N ALA A 79 -0.96 15.57 0.37
CA ALA A 79 0.31 15.80 -0.31
C ALA A 79 0.20 15.53 -1.81
N LEU A 80 -0.52 14.47 -2.17
CA LEU A 80 -0.71 14.11 -3.57
C LEU A 80 -1.49 15.18 -4.32
N LEU A 81 -2.50 15.74 -3.67
CA LEU A 81 -3.30 16.81 -4.27
C LEU A 81 -2.46 18.07 -4.50
N ASP A 82 -1.54 18.34 -3.57
CA ASP A 82 -0.62 19.45 -3.72
C ASP A 82 0.25 19.25 -4.95
N PHE A 83 0.67 18.00 -5.18
CA PHE A 83 1.42 17.66 -6.39
C PHE A 83 0.62 17.88 -7.66
N GLU A 84 -0.69 17.62 -7.58
CA GLU A 84 -1.58 17.83 -8.72
C GLU A 84 -1.57 19.29 -9.15
N ARG A 85 -1.73 20.19 -8.18
CA ARG A 85 -1.83 21.61 -8.46
C ARG A 85 -0.49 22.20 -8.87
N ASN A 86 0.59 21.71 -8.26
CA ASN A 86 1.91 22.24 -8.55
C ASN A 86 2.55 21.62 -9.78
N GLN A 87 2.42 20.30 -9.91
CA GLN A 87 2.99 19.58 -11.05
C GLN A 87 1.94 18.68 -11.68
N PRO A 88 1.08 19.24 -12.54
CA PRO A 88 -0.06 18.56 -13.16
C PRO A 88 0.30 17.29 -13.92
N HIS A 89 1.53 17.22 -14.44
CA HIS A 89 1.96 16.06 -15.23
C HIS A 89 2.50 14.94 -14.36
N LEU A 90 2.87 15.27 -13.12
CA LEU A 90 3.46 14.29 -12.22
C LEU A 90 2.51 13.13 -11.94
N THR A 91 3.04 11.91 -12.06
CA THR A 91 2.25 10.72 -11.78
C THR A 91 2.85 9.96 -10.60
N ALA A 92 2.02 9.12 -9.98
CA ALA A 92 2.48 8.26 -8.91
C ALA A 92 2.94 6.93 -9.50
N ARG A 93 3.87 6.28 -8.80
CA ARG A 93 4.29 4.94 -9.15
C ARG A 93 3.59 3.94 -8.23
N VAL A 95 3.24 -0.22 -7.20
CA VAL A 95 3.77 -1.58 -7.28
C VAL A 95 2.82 -2.53 -6.56
N LEU A 96 2.36 -3.55 -7.27
CA LEU A 96 1.45 -4.54 -6.73
C LEU A 96 2.17 -5.89 -6.65
N ARG A 97 2.28 -6.44 -5.45
CA ARG A 97 2.87 -7.76 -5.25
C ARG A 97 1.83 -8.72 -4.69
N THR A 98 1.78 -9.93 -5.24
CA THR A 98 0.87 -10.93 -4.71
C THR A 98 1.66 -12.13 -4.15
N ASN A 99 0.93 -13.06 -3.53
CA ASN A 99 1.53 -14.24 -2.91
C ASN A 99 2.58 -13.84 -1.86
N ARG A 100 2.35 -12.72 -1.18
CA ARG A 100 3.22 -12.32 -0.09
C ARG A 100 2.88 -13.07 1.18
N LYS A 101 3.90 -13.39 1.97
CA LYS A 101 3.71 -14.11 3.22
C LYS A 101 4.40 -13.38 4.37
N VAL A 102 3.68 -12.41 4.94
CA VAL A 102 4.19 -11.61 6.05
C VAL A 102 3.14 -11.64 7.16
N ASN A 103 3.57 -11.91 8.38
CA ASN A 103 2.62 -11.92 9.49
C ASN A 103 2.35 -10.51 9.97
N GLN A 104 1.17 -10.31 10.54
CA GLN A 104 0.80 -9.03 11.09
C GLN A 104 1.61 -8.73 12.36
N GLY A 105 1.99 -7.47 12.52
CA GLY A 105 2.62 -7.02 13.75
C GLY A 105 4.11 -7.30 13.89
N THR A 106 4.76 -7.74 12.81
CA THR A 106 6.19 -8.05 12.89
C THR A 106 7.05 -6.79 12.76
N GLY A 107 6.43 -5.67 12.39
CA GLY A 107 7.15 -4.41 12.31
C GLY A 107 7.71 -4.07 10.95
N ALA A 108 7.58 -4.99 10.00
CA ALA A 108 8.12 -4.80 8.67
C ALA A 108 7.19 -5.39 7.60
N LEU A 109 7.32 -4.91 6.38
CA LEU A 109 6.48 -5.39 5.28
C LEU A 109 7.30 -5.79 4.06
N LEU A 110 8.09 -4.85 3.55
CA LEU A 110 8.76 -4.98 2.25
C LEU A 110 9.84 -6.04 2.20
N SER A 111 9.92 -6.68 1.02
CA SER A 111 10.98 -7.58 0.65
C SER A 111 12.30 -6.82 0.42
N PRO A 112 13.44 -7.52 0.41
CA PRO A 112 14.70 -6.82 0.14
C PRO A 112 14.70 -6.13 -1.22
N THR A 113 14.03 -6.72 -2.20
CA THR A 113 13.93 -6.15 -3.54
C THR A 113 13.11 -4.86 -3.55
N ASP A 114 12.00 -4.85 -2.81
CA ASP A 114 11.16 -3.66 -2.76
C ASP A 114 11.74 -2.55 -1.87
N GLN A 115 12.57 -2.93 -0.91
CA GLN A 115 13.34 -1.96 -0.13
C GLN A 115 14.23 -1.15 -1.07
N ALA A 116 15.01 -1.85 -1.89
CA ALA A 116 15.93 -1.21 -2.84
C ALA A 116 15.15 -0.41 -3.86
N LEU A 117 14.03 -0.97 -4.33
CA LEU A 117 13.16 -0.30 -5.29
C LEU A 117 12.73 1.05 -4.75
N SER A 118 12.22 1.07 -3.52
CA SER A 118 11.68 2.27 -2.94
C SER A 118 12.77 3.30 -2.63
N ARG A 119 13.94 2.82 -2.20
CA ARG A 119 15.04 3.73 -1.98
C ARG A 119 15.48 4.40 -3.28
N ALA A 120 15.42 3.65 -4.38
CA ALA A 120 15.83 4.18 -5.67
C ALA A 120 14.82 5.15 -6.28
N GLU A 121 13.56 5.09 -5.83
CA GLU A 121 12.53 5.98 -6.36
C GLU A 121 12.50 7.30 -5.62
N VAL A 122 12.98 8.36 -6.25
CA VAL A 122 13.04 9.67 -5.60
C VAL A 122 12.26 10.74 -6.35
N ALA A 123 11.64 10.37 -7.47
CA ALA A 123 10.87 11.32 -8.26
C ALA A 123 9.38 11.13 -8.05
N HIS A 124 8.90 9.90 -8.21
CA HIS A 124 7.47 9.61 -8.13
C HIS A 124 7.02 9.31 -6.71
N PRO A 125 5.92 9.91 -6.28
CA PRO A 125 5.23 9.41 -5.08
C PRO A 125 4.97 7.93 -5.28
N LEU A 126 5.30 7.11 -4.28
CA LEU A 126 5.30 5.66 -4.46
C LEU A 126 4.28 4.96 -3.57
N LEU A 127 3.46 4.12 -4.18
CA LEU A 127 2.55 3.24 -3.44
C LEU A 127 2.88 1.78 -3.73
N ILE A 128 3.25 1.04 -2.70
CA ILE A 128 3.48 -0.39 -2.83
C ILE A 128 2.38 -1.15 -2.11
N LEU A 129 1.70 -2.03 -2.82
CA LEU A 129 0.63 -2.83 -2.21
C LEU A 129 1.01 -4.30 -2.17
N TYR A 130 0.96 -4.88 -0.97
CA TYR A 130 1.26 -6.29 -0.77
C TYR A 130 -0.01 -7.08 -0.50
N ARG A 131 -0.26 -8.10 -1.31
CA ARG A 131 -1.41 -8.97 -1.11
C ARG A 131 -1.00 -10.19 -0.30
N ILE A 132 -1.59 -10.33 0.88
CA ILE A 132 -1.27 -11.44 1.78
C ILE A 132 -2.48 -12.32 2.02
N GLU A 133 -2.32 -13.61 1.74
CA GLU A 133 -3.41 -14.56 1.86
C GLU A 133 -2.93 -15.88 2.47
N GLY A 134 -3.77 -16.51 3.28
CA GLY A 134 -3.49 -17.82 3.84
C GLY A 134 -2.46 -17.81 4.95
N VAL A 135 -2.52 -16.79 5.79
CA VAL A 135 -1.56 -16.58 6.87
C VAL A 135 -2.28 -16.52 8.22
N ASN A 136 -3.51 -16.00 8.20
CA ASN A 136 -4.29 -15.77 9.41
C ASN A 136 -4.59 -17.02 10.21
N ASP A 137 -5.00 -18.09 9.54
CA ASP A 137 -5.40 -19.33 10.23
C ASP A 137 -4.29 -19.90 11.09
N ALA A 138 -3.09 -20.04 10.55
CA ALA A 138 -1.97 -20.58 11.31
C ALA A 138 -1.68 -19.71 12.54
N ALA A 139 -1.68 -18.40 12.35
CA ALA A 139 -1.37 -17.47 13.43
C ALA A 139 -2.48 -17.44 14.48
N ALA A 140 -3.73 -17.41 14.02
CA ALA A 140 -4.88 -17.36 14.92
C ALA A 140 -5.05 -18.69 15.66
N GLN A 141 -4.61 -19.79 15.03
CA GLN A 141 -4.67 -21.09 15.68
C GLN A 141 -3.65 -21.19 16.80
N ARG A 142 -2.58 -20.40 16.73
CA ARG A 142 -1.59 -20.38 17.80
C ARG A 142 -1.58 -19.04 18.55
N GLY A 143 -2.73 -18.36 18.54
CA GLY A 143 -2.92 -17.15 19.30
C GLY A 143 -1.90 -16.04 19.03
N GLU A 144 -1.64 -15.80 17.74
CA GLU A 144 -0.74 -14.74 17.33
C GLU A 144 -1.49 -13.75 16.45
N PRO A 145 -1.02 -12.49 16.38
CA PRO A 145 -1.71 -11.42 15.64
C PRO A 145 -2.04 -11.78 14.19
N THR A 146 -3.21 -11.34 13.74
CA THR A 146 -3.69 -11.63 12.39
C THR A 146 -4.04 -10.33 11.67
N TRP A 147 -4.04 -10.37 10.34
CA TRP A 147 -4.51 -9.23 9.56
C TRP A 147 -6.03 -9.17 9.66
N SER A 148 -6.61 -8.01 9.38
CA SER A 148 -8.04 -7.80 9.60
C SER A 148 -8.90 -8.60 8.63
N SER A 149 -8.29 -9.10 7.56
CA SER A 149 -9.01 -9.92 6.60
C SER A 149 -8.08 -10.85 5.83
N ASP A 150 -8.69 -11.89 5.26
CA ASP A 150 -7.99 -12.82 4.40
C ASP A 150 -8.80 -12.96 3.12
N PRO A 151 -8.26 -12.47 1.99
CA PRO A 151 -6.94 -11.86 1.86
C PRO A 151 -6.92 -10.40 2.33
N ILE A 152 -5.72 -9.87 2.52
CA ILE A 152 -5.54 -8.47 2.87
C ILE A 152 -4.62 -7.82 1.84
N TRP A 153 -4.76 -6.52 1.65
CA TRP A 153 -3.77 -5.73 0.94
C TRP A 153 -3.15 -4.77 1.93
N VAL A 154 -1.82 -4.71 1.96
CA VAL A 154 -1.14 -3.81 2.88
C VAL A 154 -0.43 -2.69 2.10
N PRO A 155 -0.75 -1.43 2.42
CA PRO A 155 -0.17 -0.29 1.71
C PRO A 155 1.13 0.23 2.32
N ASN A 156 2.08 0.58 1.45
CA ASN A 156 3.32 1.22 1.86
C ASN A 156 3.50 2.45 1.00
N ILE A 157 3.59 3.61 1.63
CA ILE A 157 3.69 4.86 0.89
C ILE A 157 5.04 5.53 1.13
N LYS A 158 5.47 6.32 0.15
CA LYS A 158 6.73 7.05 0.23
C LYS A 158 6.64 8.28 -0.64
N LEU A 159 6.83 9.45 -0.04
CA LEU A 159 6.81 10.71 -0.78
C LEU A 159 8.21 11.01 -1.32
N PRO A 160 8.29 11.69 -2.48
CA PRO A 160 9.60 11.97 -3.09
C PRO A 160 10.44 12.94 -2.26
N GLY A 161 11.76 12.80 -2.35
CA GLY A 161 12.66 13.61 -1.55
C GLY A 161 13.74 12.76 -0.87
#